data_6S5V
#
_entry.id   6S5V
#
_cell.length_a   105.703
_cell.length_b   105.703
_cell.length_c   140.657
_cell.angle_alpha   90.000
_cell.angle_beta   90.000
_cell.angle_gamma   90.000
#
_symmetry.space_group_name_H-M   'P 43 21 2'
#
loop_
_entity.id
_entity.type
_entity.pdbx_description
1 polymer 'Polymerase basic protein 2'
2 non-polymer '(1~{S},2~{S},3~{S},6~{R})-2-[[2-[5,7-bis(fluoranyl)-1~{H}-indol-3-yl]-5-fluoranyl-pyrimidin-4-yl]amino]-3,6-dimethyl-cyclohexane-1-carboxylic acid'
3 non-polymer GLYCEROL
4 non-polymer 'POTASSIUM ION'
5 water water
#
_entity_poly.entity_id   1
_entity_poly.type   'polypeptide(L)'
_entity_poly.pdbx_seq_one_letter_code
;HHHHHHGENLYFQGGGEVRNDDVDQSLIIAARNIVRRATVSTDPLASLLEMCHSTQIGGIRMVDILRQNPTEEQAVDICK
AAMGLRISSSFSFGGFTFKRTSGSSVKKEEEVLTGNLQTLKIRVHEGYEEFTMVGRRATAILRKATRRLIQLIVSGRDEQ
SIAEAIIVAMVFSQEDCMIKAVRGDLNFVNRANQRLNPMHQLLRHFQKDAKVLFQNWGIEPIDNVMGMIGILPDMTPSTE
MSLRGVRVSKMGVDEYSSTERVVVSIDRFLRVRDQRGNVLLSPEEVSETQGTERLTITYSSSMM
;
_entity_poly.pdbx_strand_id   AAAA,ABAA
#
loop_
_chem_comp.id
_chem_comp.type
_chem_comp.name
_chem_comp.formula
GOL non-polymer GLYCEROL 'C3 H8 O3'
K non-polymer 'POTASSIUM ION' 'K 1'
KWN non-polymer '(1~{S},2~{S},3~{S},6~{R})-2-[[2-[5,7-bis(fluoranyl)-1~{H}-indol-3-yl]-5-fluoranyl-pyrimidin-4-yl]amino]-3,6-dimethyl-cyclohexane-1-carboxylic acid' 'C21 H21 F3 N4 O2'
#
# COMPACT_ATOMS: atom_id res chain seq x y z
N ASN A 20 18.50 0.08 -23.98
CA ASN A 20 18.99 -0.69 -22.84
C ASN A 20 17.91 -0.91 -21.77
N ASP A 21 17.12 0.13 -21.47
CA ASP A 21 16.07 -0.02 -20.46
C ASP A 21 15.16 -1.19 -20.77
N ASP A 22 14.97 -1.49 -22.05
CA ASP A 22 14.10 -2.61 -22.39
C ASP A 22 14.79 -3.97 -22.27
N VAL A 23 16.09 -4.04 -22.56
CA VAL A 23 16.82 -5.25 -22.21
C VAL A 23 16.74 -5.50 -20.71
N ASP A 24 16.97 -4.43 -19.92
CA ASP A 24 16.98 -4.56 -18.46
C ASP A 24 15.63 -5.10 -17.96
N GLN A 25 14.53 -4.58 -18.50
CA GLN A 25 13.20 -4.98 -18.04
C GLN A 25 12.98 -6.47 -18.25
N SER A 26 13.36 -6.98 -19.43
CA SER A 26 13.14 -8.39 -19.74
C SER A 26 14.12 -9.28 -18.98
N LEU A 27 15.35 -8.81 -18.79
CA LEU A 27 16.32 -9.56 -18.00
C LEU A 27 15.88 -9.73 -16.56
N ILE A 28 15.33 -8.67 -15.96
CA ILE A 28 14.83 -8.74 -14.59
C ILE A 28 13.69 -9.74 -14.49
N ILE A 29 12.75 -9.70 -15.44
CA ILE A 29 11.65 -10.67 -15.43
C ILE A 29 12.17 -12.09 -15.53
N ALA A 30 13.11 -12.34 -16.44
CA ALA A 30 13.64 -13.67 -16.63
C ALA A 30 14.32 -14.15 -15.36
N ALA A 31 15.18 -13.30 -14.80
CA ALA A 31 15.95 -13.68 -13.62
C ALA A 31 15.05 -13.93 -12.41
N ARG A 32 14.01 -13.10 -12.23
CA ARG A 32 13.11 -13.34 -11.11
C ARG A 32 12.38 -14.67 -11.27
N ASN A 33 11.90 -14.94 -12.49
CA ASN A 33 11.21 -16.22 -12.71
C ASN A 33 12.14 -17.39 -12.44
N ILE A 34 13.40 -17.29 -12.87
CA ILE A 34 14.36 -18.37 -12.66
C ILE A 34 14.65 -18.56 -11.17
N VAL A 35 14.91 -17.47 -10.44
CA VAL A 35 15.19 -17.62 -9.01
C VAL A 35 14.01 -18.26 -8.29
N ARG A 36 12.79 -17.82 -8.57
CA ARG A 36 11.63 -18.39 -7.90
C ARG A 36 11.48 -19.88 -8.19
N ARG A 37 11.67 -20.28 -9.45
CA ARG A 37 11.60 -21.69 -9.79
C ARG A 37 12.72 -22.50 -9.15
N ALA A 38 13.93 -21.94 -9.14
CA ALA A 38 15.08 -22.66 -8.59
C ALA A 38 14.92 -22.90 -7.10
N THR A 39 14.29 -21.96 -6.39
CA THR A 39 14.26 -22.02 -4.93
C THR A 39 13.55 -23.27 -4.43
N VAL A 40 12.60 -23.82 -5.20
CA VAL A 40 11.87 -25.02 -4.76
C VAL A 40 12.55 -26.31 -5.19
N SER A 41 13.67 -26.23 -5.89
N SER A 41 13.66 -26.23 -5.92
CA SER A 41 14.43 -27.42 -6.25
CA SER A 41 14.44 -27.42 -6.24
C SER A 41 15.31 -27.86 -5.10
C SER A 41 15.21 -27.90 -5.02
N THR A 42 15.62 -29.17 -5.08
CA THR A 42 16.50 -29.70 -4.03
C THR A 42 17.86 -29.00 -4.01
N ASP A 43 18.40 -28.63 -5.18
CA ASP A 43 19.68 -27.94 -5.31
C ASP A 43 19.41 -26.67 -6.13
N PRO A 44 19.01 -25.59 -5.47
CA PRO A 44 18.66 -24.37 -6.24
C PRO A 44 19.77 -23.83 -7.12
N LEU A 45 21.02 -23.88 -6.68
CA LEU A 45 22.11 -23.35 -7.49
C LEU A 45 22.21 -24.10 -8.81
N ALA A 46 22.20 -25.44 -8.76
CA ALA A 46 22.26 -26.21 -10.00
C ALA A 46 21.05 -25.92 -10.89
N SER A 47 19.87 -25.81 -10.29
CA SER A 47 18.67 -25.55 -11.09
CA SER A 47 18.65 -25.54 -11.05
C SER A 47 18.74 -24.19 -11.74
N LEU A 48 19.17 -23.17 -11.00
CA LEU A 48 19.32 -21.83 -11.56
C LEU A 48 20.31 -21.83 -12.71
N LEU A 49 21.45 -22.50 -12.53
CA LEU A 49 22.46 -22.50 -13.59
C LEU A 49 21.94 -23.15 -14.85
N GLU A 50 21.23 -24.28 -14.71
CA GLU A 50 20.67 -24.96 -15.88
C GLU A 50 19.64 -24.09 -16.57
N MET A 51 18.78 -23.42 -15.80
CA MET A 51 17.79 -22.55 -16.43
CA MET A 51 17.79 -22.55 -16.43
C MET A 51 18.43 -21.37 -17.12
N CYS A 52 19.41 -20.73 -16.49
CA CYS A 52 20.07 -19.60 -17.15
C CYS A 52 20.73 -20.04 -18.45
N HIS A 53 21.35 -21.23 -18.41
CA HIS A 53 22.06 -21.74 -19.59
C HIS A 53 21.11 -21.99 -20.75
N SER A 54 19.85 -22.30 -20.47
CA SER A 54 18.93 -22.64 -21.55
CA SER A 54 18.84 -22.69 -21.44
C SER A 54 17.89 -21.56 -21.81
N THR A 55 18.09 -20.36 -21.28
CA THR A 55 17.17 -19.24 -21.51
C THR A 55 17.77 -18.25 -22.49
N GLN A 56 16.93 -17.78 -23.41
CA GLN A 56 17.27 -16.71 -24.33
C GLN A 56 16.28 -15.57 -24.14
N ILE A 57 16.78 -14.35 -24.32
CA ILE A 57 15.99 -13.14 -24.22
C ILE A 57 16.20 -12.38 -25.53
N GLY A 58 15.11 -12.16 -26.26
CA GLY A 58 15.28 -11.57 -27.58
C GLY A 58 16.20 -12.36 -28.48
N GLY A 59 16.27 -13.68 -28.28
CA GLY A 59 17.13 -14.54 -29.07
C GLY A 59 18.59 -14.54 -28.70
N ILE A 60 18.99 -13.81 -27.66
CA ILE A 60 20.36 -13.79 -27.16
C ILE A 60 20.43 -14.64 -25.90
N ARG A 61 21.49 -15.46 -25.78
CA ARG A 61 21.67 -16.26 -24.57
C ARG A 61 21.66 -15.38 -23.33
N MET A 62 20.89 -15.78 -22.34
CA MET A 62 20.85 -15.01 -21.09
C MET A 62 22.23 -14.79 -20.51
N VAL A 63 23.12 -15.79 -20.58
CA VAL A 63 24.45 -15.63 -19.99
CA VAL A 63 24.46 -15.65 -20.01
C VAL A 63 25.22 -14.53 -20.71
N ASP A 64 25.00 -14.36 -22.02
CA ASP A 64 25.70 -13.30 -22.74
C ASP A 64 25.17 -11.92 -22.33
N ILE A 65 23.88 -11.81 -22.04
CA ILE A 65 23.35 -10.56 -21.51
C ILE A 65 23.91 -10.28 -20.11
N LEU A 66 23.90 -11.30 -19.22
CA LEU A 66 24.39 -11.10 -17.86
C LEU A 66 25.81 -10.57 -17.85
N ARG A 67 26.64 -11.06 -18.76
CA ARG A 67 28.04 -10.67 -18.78
CA ARG A 67 28.04 -10.66 -18.81
C ARG A 67 28.21 -9.22 -19.23
N GLN A 68 27.23 -8.68 -19.94
CA GLN A 68 27.34 -7.40 -20.62
C GLN A 68 26.15 -6.51 -20.31
N ASN A 69 25.65 -6.55 -19.08
CA ASN A 69 24.53 -5.71 -18.69
C ASN A 69 24.77 -5.19 -17.26
N PRO A 70 24.61 -3.89 -17.02
CA PRO A 70 24.96 -3.32 -15.71
C PRO A 70 23.85 -3.35 -14.67
N THR A 71 22.71 -3.98 -14.93
CA THR A 71 21.61 -4.00 -13.99
C THR A 71 22.01 -4.64 -12.66
N GLU A 72 21.55 -4.06 -11.54
CA GLU A 72 21.91 -4.55 -10.20
C GLU A 72 20.73 -5.05 -9.34
N GLU A 73 19.65 -5.43 -9.95
CA GLU A 73 18.49 -5.93 -9.26
C GLU A 73 18.80 -7.28 -8.60
N GLN A 74 18.03 -7.61 -7.56
CA GLN A 74 18.39 -8.72 -6.68
C GLN A 74 18.47 -10.05 -7.42
N ALA A 75 17.43 -10.42 -8.18
CA ALA A 75 17.49 -11.69 -8.89
C ALA A 75 18.59 -11.71 -9.95
N VAL A 76 18.73 -10.62 -10.70
CA VAL A 76 19.80 -10.54 -11.69
C VAL A 76 21.15 -10.75 -11.03
N ASP A 77 21.36 -10.14 -9.86
CA ASP A 77 22.66 -10.26 -9.20
C ASP A 77 22.89 -11.64 -8.62
N ILE A 78 21.84 -12.34 -8.20
CA ILE A 78 22.00 -13.75 -7.84
C ILE A 78 22.47 -14.57 -9.04
N CYS A 79 21.84 -14.33 -10.21
CA CYS A 79 22.26 -15.05 -11.41
C CYS A 79 23.70 -14.68 -11.80
N LYS A 80 24.06 -13.39 -11.69
CA LYS A 80 25.43 -12.99 -11.97
C LYS A 80 26.42 -13.67 -11.03
N ALA A 81 26.12 -13.69 -9.74
CA ALA A 81 27.00 -14.33 -8.76
C ALA A 81 27.21 -15.80 -9.09
N ALA A 82 26.15 -16.48 -9.52
CA ALA A 82 26.23 -17.89 -9.82
C ALA A 82 27.22 -18.19 -10.93
N MET A 83 27.50 -17.23 -11.81
N MET A 83 27.50 -17.22 -11.80
CA MET A 83 28.49 -17.47 -12.85
CA MET A 83 28.45 -17.42 -12.88
C MET A 83 29.70 -16.55 -12.72
C MET A 83 29.72 -16.60 -12.71
N GLY A 84 29.99 -16.14 -11.50
CA GLY A 84 31.27 -15.52 -11.17
C GLY A 84 31.40 -14.09 -11.59
N LEU A 85 30.31 -13.42 -11.96
CA LEU A 85 30.37 -12.02 -12.35
C LEU A 85 30.36 -11.13 -11.12
N ARG A 86 31.05 -10.00 -11.22
CA ARG A 86 31.08 -9.04 -10.13
C ARG A 86 29.75 -8.30 -10.04
N ILE A 87 29.35 -7.99 -8.81
CA ILE A 87 28.08 -7.33 -8.52
C ILE A 87 28.31 -6.21 -7.52
N SER A 88 27.31 -5.37 -7.37
CA SER A 88 27.33 -4.34 -6.36
C SER A 88 27.67 -4.93 -5.00
N SER A 89 28.47 -4.17 -4.22
CA SER A 89 28.80 -4.57 -2.86
C SER A 89 27.69 -4.30 -1.85
N SER A 90 26.60 -3.65 -2.26
CA SER A 90 25.51 -3.35 -1.35
C SER A 90 24.69 -4.60 -1.04
N PHE A 91 23.84 -4.49 -0.03
CA PHE A 91 22.95 -5.59 0.33
C PHE A 91 21.50 -5.16 0.24
N SER A 92 20.61 -6.14 0.30
CA SER A 92 19.17 -5.89 0.25
C SER A 92 18.50 -6.31 1.54
N PHE A 93 17.62 -5.46 2.05
CA PHE A 93 16.77 -5.83 3.17
C PHE A 93 15.41 -5.21 2.96
N GLY A 94 14.36 -6.03 3.01
CA GLY A 94 13.03 -5.53 2.73
C GLY A 94 12.85 -4.99 1.34
N GLY A 95 13.69 -5.43 0.39
CA GLY A 95 13.67 -4.91 -0.96
C GLY A 95 14.44 -3.62 -1.16
N PHE A 96 14.90 -2.98 -0.08
CA PHE A 96 15.70 -1.78 -0.18
C PHE A 96 17.16 -2.14 -0.32
N THR A 97 17.84 -1.44 -1.21
CA THR A 97 19.29 -1.57 -1.32
C THR A 97 19.94 -0.71 -0.26
N PHE A 98 20.74 -1.33 0.60
CA PHE A 98 21.45 -0.66 1.67
C PHE A 98 22.92 -0.54 1.29
N LYS A 99 23.45 0.67 1.35
CA LYS A 99 24.86 0.94 1.14
C LYS A 99 25.40 1.59 2.40
N ARG A 100 26.39 0.97 3.02
CA ARG A 100 27.00 1.56 4.21
C ARG A 100 27.91 2.71 3.77
N THR A 101 27.61 3.92 4.24
CA THR A 101 28.37 5.10 3.87
C THR A 101 29.34 5.54 4.95
N SER A 102 29.16 5.06 6.18
CA SER A 102 30.09 5.37 7.26
C SER A 102 29.99 4.34 8.35
N GLY A 103 31.07 4.21 9.13
CA GLY A 103 31.06 3.38 10.30
C GLY A 103 31.35 1.91 10.03
N SER A 104 31.09 1.10 11.05
CA SER A 104 31.42 -0.32 11.02
C SER A 104 30.67 -1.01 12.15
N SER A 105 30.54 -2.33 12.04
CA SER A 105 29.94 -3.10 13.10
C SER A 105 30.52 -4.50 13.16
N VAL A 106 30.43 -5.08 14.34
CA VAL A 106 30.75 -6.48 14.57
C VAL A 106 29.48 -7.18 15.03
N LYS A 107 29.36 -8.46 14.70
CA LYS A 107 28.19 -9.23 15.05
C LYS A 107 28.42 -10.00 16.34
N LYS A 108 27.40 -10.03 17.18
CA LYS A 108 27.38 -10.79 18.42
C LYS A 108 26.03 -11.46 18.54
N GLU A 109 26.03 -12.78 18.76
CA GLU A 109 24.77 -13.48 18.95
C GLU A 109 24.18 -13.13 20.31
N GLU A 110 22.89 -12.77 20.32
CA GLU A 110 22.18 -12.47 21.55
C GLU A 110 20.80 -13.09 21.51
N GLU A 111 20.35 -13.55 22.66
CA GLU A 111 19.02 -14.11 22.80
C GLU A 111 18.07 -13.01 23.30
N VAL A 112 16.96 -12.83 22.59
CA VAL A 112 15.98 -11.81 22.92
C VAL A 112 14.62 -12.48 23.10
N LEU A 113 13.72 -11.77 23.77
CA LEU A 113 12.38 -12.26 24.07
C LEU A 113 11.37 -11.33 23.41
N THR A 114 10.57 -11.86 22.51
CA THR A 114 9.61 -11.03 21.80
C THR A 114 8.41 -10.69 22.68
N GLY A 115 7.63 -9.74 22.21
CA GLY A 115 6.39 -9.40 22.89
C GLY A 115 5.36 -10.50 22.92
N ASN A 116 5.58 -11.61 22.21
CA ASN A 116 4.71 -12.78 22.32
C ASN A 116 5.38 -13.90 23.11
N LEU A 117 6.47 -13.60 23.80
CA LEU A 117 7.14 -14.54 24.70
C LEU A 117 7.88 -15.64 23.93
N GLN A 118 8.30 -15.37 22.70
CA GLN A 118 9.12 -16.28 21.93
C GLN A 118 10.58 -15.83 22.03
N THR A 119 11.49 -16.76 22.20
CA THR A 119 12.91 -16.42 22.16
C THR A 119 13.44 -16.50 20.73
N LEU A 120 14.29 -15.53 20.38
CA LEU A 120 15.01 -15.50 19.11
C LEU A 120 16.49 -15.32 19.41
N LYS A 121 17.34 -15.98 18.64
CA LYS A 121 18.78 -15.74 18.70
C LYS A 121 19.14 -14.90 17.48
N ILE A 122 19.53 -13.66 17.72
CA ILE A 122 19.76 -12.68 16.65
C ILE A 122 21.24 -12.33 16.65
N ARG A 123 21.78 -12.16 15.44
CA ARG A 123 23.12 -11.60 15.27
C ARG A 123 23.00 -10.08 15.37
N VAL A 124 23.29 -9.55 16.55
CA VAL A 124 23.19 -8.13 16.82
C VAL A 124 24.44 -7.46 16.29
N HIS A 125 24.26 -6.39 15.55
CA HIS A 125 25.37 -5.58 15.08
C HIS A 125 25.73 -4.51 16.09
N GLU A 126 26.99 -4.49 16.50
CA GLU A 126 27.50 -3.55 17.50
C GLU A 126 28.38 -2.52 16.80
N GLY A 127 28.01 -1.26 16.90
CA GLY A 127 28.78 -0.15 16.36
C GLY A 127 27.89 0.90 15.71
N TYR A 128 28.45 2.11 15.57
CA TYR A 128 27.79 3.18 14.85
C TYR A 128 27.96 2.97 13.35
N GLU A 129 26.85 3.05 12.62
CA GLU A 129 26.86 2.92 11.17
C GLU A 129 25.86 3.87 10.54
N GLU A 130 26.19 4.34 9.33
CA GLU A 130 25.26 5.10 8.49
C GLU A 130 25.07 4.36 7.19
N PHE A 131 23.83 4.34 6.71
CA PHE A 131 23.49 3.73 5.44
C PHE A 131 22.61 4.65 4.62
N THR A 132 22.68 4.50 3.31
CA THR A 132 21.57 4.91 2.48
C THR A 132 20.72 3.68 2.18
N MET A 133 19.42 3.92 2.06
CA MET A 133 18.44 2.93 1.63
C MET A 133 17.81 3.44 0.36
N VAL A 134 17.80 2.62 -0.68
CA VAL A 134 17.19 3.00 -1.95
C VAL A 134 16.17 1.96 -2.34
N GLY A 135 14.92 2.39 -2.49
CA GLY A 135 13.85 1.57 -3.01
C GLY A 135 13.20 2.23 -4.21
N ARG A 136 12.21 1.53 -4.76
CA ARG A 136 11.53 2.05 -5.94
C ARG A 136 10.67 3.26 -5.62
N ARG A 137 10.16 3.34 -4.39
N ARG A 137 10.16 3.36 -4.39
CA ARG A 137 9.18 4.35 -4.02
CA ARG A 137 9.20 4.40 -4.06
C ARG A 137 9.62 5.22 -2.86
C ARG A 137 9.58 5.18 -2.82
N ALA A 138 10.77 4.94 -2.25
CA ALA A 138 11.26 5.72 -1.13
C ALA A 138 12.77 5.57 -1.06
N THR A 139 13.43 6.57 -0.47
CA THR A 139 14.86 6.52 -0.17
C THR A 139 15.06 7.08 1.24
N ALA A 140 16.18 6.71 1.86
CA ALA A 140 16.43 7.22 3.20
C ALA A 140 17.91 7.20 3.54
N ILE A 141 18.25 8.00 4.55
CA ILE A 141 19.52 7.92 5.27
C ILE A 141 19.19 7.37 6.66
N LEU A 142 19.89 6.30 7.05
CA LEU A 142 19.70 5.66 8.34
C LEU A 142 20.99 5.74 9.14
N ARG A 143 20.92 6.31 10.34
CA ARG A 143 22.04 6.39 11.26
C ARG A 143 21.65 5.60 12.50
N LYS A 144 22.52 4.66 12.92
CA LYS A 144 22.20 3.80 14.05
C LYS A 144 23.46 3.51 14.86
N ALA A 145 23.23 3.09 16.10
CA ALA A 145 24.29 2.48 16.89
C ALA A 145 23.74 1.13 17.36
N THR A 146 24.36 0.54 18.36
CA THR A 146 23.95 -0.82 18.75
C THR A 146 22.53 -0.82 19.27
N ARG A 147 21.66 -1.58 18.59
CA ARG A 147 20.23 -1.68 18.95
C ARG A 147 19.61 -0.32 19.21
N ARG A 148 19.94 0.66 18.37
CA ARG A 148 19.53 2.06 18.60
C ARG A 148 19.40 2.76 17.25
N LEU A 149 18.17 3.10 16.86
CA LEU A 149 17.96 3.98 15.72
C LEU A 149 18.22 5.41 16.18
N ILE A 150 19.12 6.12 15.52
CA ILE A 150 19.45 7.49 15.89
C ILE A 150 18.69 8.48 15.03
N GLN A 151 18.81 8.33 13.72
CA GLN A 151 18.07 9.17 12.78
C GLN A 151 17.67 8.34 11.58
N LEU A 152 16.49 8.63 11.05
CA LEU A 152 16.05 8.15 9.74
C LEU A 152 15.48 9.35 9.01
N ILE A 153 16.13 9.75 7.93
CA ILE A 153 15.65 10.85 7.10
C ILE A 153 15.15 10.20 5.81
N VAL A 154 13.83 10.26 5.60
CA VAL A 154 13.18 9.46 4.57
C VAL A 154 12.41 10.37 3.62
N SER A 155 12.42 9.99 2.34
CA SER A 155 11.68 10.66 1.28
C SER A 155 10.93 9.59 0.52
N GLY A 156 9.75 9.93 0.00
CA GLY A 156 9.01 8.91 -0.73
C GLY A 156 7.81 9.47 -1.44
N ARG A 157 7.18 8.60 -2.23
CA ARG A 157 6.13 9.06 -3.12
C ARG A 157 4.81 9.37 -2.41
N ASP A 158 4.59 8.80 -1.24
CA ASP A 158 3.37 9.01 -0.48
C ASP A 158 3.63 8.46 0.91
N GLU A 159 2.70 8.70 1.83
CA GLU A 159 2.95 8.30 3.21
C GLU A 159 3.07 6.78 3.33
N GLN A 160 2.35 6.02 2.49
CA GLN A 160 2.44 4.57 2.52
C GLN A 160 3.83 4.07 2.12
N SER A 161 4.40 4.67 1.08
CA SER A 161 5.75 4.28 0.64
C SER A 161 6.79 4.66 1.68
N ILE A 162 6.58 5.81 2.32
CA ILE A 162 7.45 6.22 3.42
C ILE A 162 7.33 5.24 4.58
N ALA A 163 6.11 4.83 4.90
CA ALA A 163 5.90 3.88 5.99
C ALA A 163 6.63 2.57 5.73
N GLU A 164 6.64 2.11 4.46
N GLU A 164 6.64 2.11 4.46
CA GLU A 164 7.33 0.87 4.14
CA GLU A 164 7.34 0.86 4.16
C GLU A 164 8.81 0.95 4.48
C GLU A 164 8.82 0.95 4.50
N ALA A 165 9.44 2.08 4.17
CA ALA A 165 10.84 2.28 4.52
C ALA A 165 11.05 2.37 6.03
N ILE A 166 10.14 3.05 6.73
CA ILE A 166 10.24 3.17 8.18
C ILE A 166 10.19 1.80 8.84
N ILE A 167 9.28 0.92 8.39
CA ILE A 167 9.19 -0.41 8.97
C ILE A 167 10.51 -1.14 8.81
N VAL A 168 11.07 -1.12 7.61
CA VAL A 168 12.35 -1.79 7.36
C VAL A 168 13.44 -1.24 8.28
N ALA A 169 13.51 0.10 8.41
CA ALA A 169 14.52 0.71 9.26
C ALA A 169 14.32 0.35 10.74
N MET A 170 13.08 0.30 11.20
CA MET A 170 12.82 -0.02 12.60
C MET A 170 13.22 -1.46 12.90
N VAL A 171 12.95 -2.40 11.98
CA VAL A 171 13.39 -3.77 12.17
C VAL A 171 14.92 -3.86 12.11
N PHE A 172 15.51 -3.23 11.09
CA PHE A 172 16.96 -3.25 10.93
C PHE A 172 17.68 -2.69 12.15
N SER A 173 17.06 -1.73 12.84
CA SER A 173 17.69 -1.12 14.00
C SER A 173 17.95 -2.13 15.11
N GLN A 174 17.19 -3.23 15.12
CA GLN A 174 17.27 -4.25 16.17
C GLN A 174 16.84 -3.74 17.55
N GLU A 175 16.14 -2.60 17.61
CA GLU A 175 15.71 -2.05 18.89
C GLU A 175 14.81 -3.00 19.68
N ASP A 176 15.00 -2.99 21.00
CA ASP A 176 14.14 -3.79 21.88
C ASP A 176 12.67 -3.40 21.75
N CYS A 177 12.36 -2.12 21.54
CA CYS A 177 10.95 -1.79 21.44
CA CYS A 177 11.00 -1.67 21.35
C CYS A 177 10.31 -2.41 20.21
N MET A 178 11.08 -2.67 19.15
CA MET A 178 10.57 -3.39 17.99
C MET A 178 10.37 -4.86 18.31
N ILE A 179 11.33 -5.48 19.00
CA ILE A 179 11.19 -6.87 19.43
C ILE A 179 9.95 -7.02 20.31
N LYS A 180 9.73 -6.07 21.22
CA LYS A 180 8.63 -6.15 22.16
C LYS A 180 7.30 -5.81 21.53
N ALA A 181 7.29 -5.26 20.32
CA ALA A 181 6.05 -4.98 19.60
C ALA A 181 5.53 -6.18 18.84
N VAL A 182 6.28 -7.28 18.79
CA VAL A 182 5.77 -8.47 18.12
C VAL A 182 4.57 -9.03 18.87
N ARG A 183 3.54 -9.43 18.11
CA ARG A 183 2.30 -9.92 18.70
C ARG A 183 1.83 -11.26 18.19
N GLY A 184 2.62 -11.97 17.41
CA GLY A 184 2.30 -13.35 17.10
C GLY A 184 3.56 -14.19 17.21
N ASP A 185 3.38 -15.50 17.02
CA ASP A 185 4.56 -16.33 16.86
C ASP A 185 5.14 -16.15 15.48
N LEU A 186 6.46 -16.31 15.38
CA LEU A 186 7.20 -16.09 14.14
C LEU A 186 7.64 -17.45 13.63
N ASN A 187 6.96 -17.95 12.60
CA ASN A 187 7.28 -19.23 11.99
C ASN A 187 7.19 -19.15 10.48
N PHE A 188 7.60 -18.02 9.93
CA PHE A 188 7.58 -17.83 8.48
C PHE A 188 8.58 -18.75 7.81
N VAL A 189 8.20 -19.23 6.61
CA VAL A 189 9.07 -20.06 5.78
C VAL A 189 9.09 -19.50 4.36
N ASN A 190 10.09 -19.93 3.61
CA ASN A 190 10.21 -19.57 2.20
C ASN A 190 9.44 -20.57 1.33
N ARG A 191 9.60 -20.45 0.00
CA ARG A 191 8.87 -21.29 -0.94
C ARG A 191 9.19 -22.77 -0.77
N ALA A 192 10.38 -23.07 -0.25
CA ALA A 192 10.83 -24.44 -0.05
C ALA A 192 10.56 -24.93 1.36
N ASN A 193 9.76 -24.21 2.14
CA ASN A 193 9.41 -24.59 3.50
C ASN A 193 10.61 -24.53 4.45
N GLN A 194 11.59 -23.69 4.15
CA GLN A 194 12.72 -23.44 5.04
C GLN A 194 12.42 -22.20 5.89
N ARG A 195 12.75 -22.29 7.18
CA ARG A 195 12.49 -21.20 8.12
C ARG A 195 13.32 -19.98 7.76
N LEU A 196 12.69 -18.80 7.77
CA LEU A 196 13.43 -17.57 7.53
C LEU A 196 14.31 -17.25 8.74
N ASN A 197 15.41 -16.52 8.51
CA ASN A 197 16.27 -16.09 9.61
C ASN A 197 15.53 -15.06 10.47
N PRO A 198 16.00 -14.83 11.71
CA PRO A 198 15.25 -13.97 12.62
C PRO A 198 14.95 -12.58 12.09
N MET A 199 15.89 -11.94 11.39
CA MET A 199 15.63 -10.60 10.89
C MET A 199 14.50 -10.62 9.86
N HIS A 200 14.46 -11.65 9.02
CA HIS A 200 13.36 -11.78 8.08
C HIS A 200 12.07 -12.18 8.75
N GLN A 201 12.13 -12.97 9.84
CA GLN A 201 10.92 -13.28 10.60
C GLN A 201 10.27 -11.98 11.10
N LEU A 202 11.09 -11.11 11.69
CA LEU A 202 10.59 -9.87 12.24
C LEU A 202 10.04 -8.98 11.14
N LEU A 203 10.75 -8.89 10.02
CA LEU A 203 10.29 -8.04 8.94
C LEU A 203 8.96 -8.52 8.38
N ARG A 204 8.83 -9.84 8.13
CA ARG A 204 7.58 -10.33 7.57
C ARG A 204 6.41 -10.07 8.53
N HIS A 205 6.65 -10.19 9.83
CA HIS A 205 5.61 -9.90 10.81
C HIS A 205 5.13 -8.46 10.71
N PHE A 206 6.05 -7.50 10.69
CA PHE A 206 5.67 -6.10 10.71
C PHE A 206 5.19 -5.60 9.36
N GLN A 207 5.61 -6.24 8.27
CA GLN A 207 5.02 -5.89 6.98
C GLN A 207 3.55 -6.26 6.91
N LYS A 208 3.13 -7.28 7.69
CA LYS A 208 1.73 -7.67 7.70
C LYS A 208 0.89 -6.63 8.45
N ASP A 209 1.42 -6.09 9.53
CA ASP A 209 0.69 -5.10 10.32
C ASP A 209 1.69 -4.36 11.19
N ALA A 210 1.84 -3.06 10.96
CA ALA A 210 2.81 -2.27 11.70
C ALA A 210 2.18 -1.39 12.77
N LYS A 211 0.88 -1.53 13.05
CA LYS A 211 0.23 -0.58 13.94
C LYS A 211 0.83 -0.63 15.35
N VAL A 212 1.06 -1.83 15.90
CA VAL A 212 1.61 -1.90 17.24
C VAL A 212 3.05 -1.38 17.26
N LEU A 213 3.84 -1.74 16.24
CA LEU A 213 5.20 -1.21 16.13
C LEU A 213 5.20 0.31 16.18
N PHE A 214 4.38 0.94 15.34
CA PHE A 214 4.39 2.40 15.27
C PHE A 214 3.84 3.04 16.53
N GLN A 215 2.85 2.42 17.18
CA GLN A 215 2.28 3.01 18.38
C GLN A 215 3.21 2.90 19.59
N ASN A 216 4.10 1.91 19.60
CA ASN A 216 5.00 1.68 20.72
C ASN A 216 6.38 2.30 20.50
N TRP A 217 6.67 2.82 19.31
CA TRP A 217 8.02 3.27 18.99
C TRP A 217 8.39 4.52 19.79
N GLY A 218 7.44 5.45 19.91
CA GLY A 218 7.68 6.72 20.57
C GLY A 218 7.55 7.89 19.61
N ILE A 219 7.02 9.02 20.10
CA ILE A 219 6.97 10.25 19.33
C ILE A 219 7.73 11.33 20.09
N GLU A 220 8.10 12.39 19.37
CA GLU A 220 8.88 13.48 19.93
C GLU A 220 8.55 14.77 19.22
N PRO A 221 8.74 15.92 19.88
CA PRO A 221 8.56 17.20 19.21
C PRO A 221 9.68 17.42 18.20
N ILE A 222 9.39 18.21 17.18
CA ILE A 222 10.39 18.52 16.15
C ILE A 222 10.56 20.02 16.05
N ASP A 223 11.73 20.43 15.59
CA ASP A 223 11.97 21.83 15.26
C ASP A 223 11.58 22.13 13.83
N ASN A 224 11.33 23.40 13.56
N ASN A 224 11.33 23.40 13.56
CA ASN A 224 10.98 23.87 12.23
CA ASN A 224 10.98 23.87 12.23
C ASN A 224 12.24 23.93 11.38
C ASN A 224 12.24 23.93 11.38
N VAL A 225 12.39 22.97 10.47
CA VAL A 225 13.54 22.91 9.57
C VAL A 225 13.01 22.96 8.15
N MET A 226 13.50 23.91 7.36
CA MET A 226 13.03 24.01 5.99
C MET A 226 13.29 22.70 5.25
N GLY A 227 12.28 22.23 4.53
CA GLY A 227 12.38 21.00 3.77
C GLY A 227 12.16 19.72 4.56
N MET A 228 11.90 19.81 5.86
N MET A 228 11.96 19.80 5.87
CA MET A 228 11.71 18.64 6.71
CA MET A 228 11.71 18.61 6.68
C MET A 228 10.38 18.74 7.44
C MET A 228 10.36 18.75 7.38
N ILE A 229 9.74 17.60 7.66
CA ILE A 229 8.48 17.53 8.40
C ILE A 229 8.45 16.21 9.16
N GLY A 230 7.51 16.09 10.06
CA GLY A 230 7.34 14.88 10.82
C GLY A 230 6.31 13.95 10.22
N ILE A 231 6.34 12.70 10.70
CA ILE A 231 5.34 11.72 10.34
C ILE A 231 4.90 11.01 11.62
N LEU A 232 3.59 10.93 11.85
CA LEU A 232 3.05 10.39 13.09
C LEU A 232 2.79 8.89 12.95
N PRO A 233 2.53 8.21 14.06
CA PRO A 233 2.26 6.77 13.99
C PRO A 233 1.11 6.40 13.07
N ASP A 234 0.12 7.29 12.88
CA ASP A 234 -0.97 7.04 11.94
C ASP A 234 -0.59 7.34 10.49
N MET A 235 0.69 7.64 10.24
CA MET A 235 1.28 7.93 8.94
CA MET A 235 1.20 7.88 8.90
C MET A 235 0.73 9.21 8.30
N THR A 236 0.32 10.16 9.12
CA THR A 236 -0.03 11.48 8.64
C THR A 236 1.10 12.48 8.92
N PRO A 237 1.21 13.53 8.12
CA PRO A 237 2.31 14.48 8.29
C PRO A 237 2.01 15.49 9.39
N SER A 238 3.07 15.90 10.08
CA SER A 238 2.95 16.88 11.17
C SER A 238 4.14 17.83 11.15
N THR A 239 3.86 19.12 11.37
CA THR A 239 4.92 20.10 11.54
C THR A 239 5.38 20.20 12.99
N GLU A 240 4.74 19.47 13.91
CA GLU A 240 4.94 19.63 15.34
C GLU A 240 5.62 18.45 16.01
N MET A 241 5.37 17.24 15.55
CA MET A 241 5.84 16.03 16.22
C MET A 241 6.13 15.00 15.15
N SER A 242 6.86 13.95 15.55
CA SER A 242 7.18 12.87 14.64
C SER A 242 7.52 11.63 15.43
N LEU A 243 7.43 10.48 14.74
CA LEU A 243 8.05 9.27 15.26
C LEU A 243 9.50 9.56 15.66
N ARG A 244 9.89 9.02 16.81
CA ARG A 244 11.24 9.22 17.34
C ARG A 244 12.32 8.89 16.33
N GLY A 245 13.20 9.85 16.10
CA GLY A 245 14.29 9.70 15.17
C GLY A 245 13.96 9.93 13.71
N VAL A 246 12.69 10.03 13.35
CA VAL A 246 12.28 9.99 11.95
C VAL A 246 11.93 11.40 11.49
N ARG A 247 12.45 11.79 10.33
CA ARG A 247 12.05 13.03 9.69
C ARG A 247 11.85 12.74 8.22
N VAL A 248 10.89 13.43 7.62
CA VAL A 248 10.56 13.30 6.21
C VAL A 248 11.11 14.49 5.45
N SER A 249 11.83 14.22 4.37
CA SER A 249 12.40 15.22 3.50
C SER A 249 11.73 15.17 2.13
N LYS A 250 11.81 16.26 1.40
CA LYS A 250 11.38 16.21 0.01
C LYS A 250 12.53 15.88 -0.94
N MET A 251 13.75 15.82 -0.43
CA MET A 251 14.94 15.46 -1.19
C MET A 251 15.33 14.03 -0.85
N GLY A 252 15.80 13.30 -1.84
CA GLY A 252 16.18 11.92 -1.64
C GLY A 252 17.54 11.58 -2.22
N THR A 259 28.31 2.71 -7.46
CA THR A 259 28.64 1.68 -6.46
C THR A 259 29.67 0.69 -7.03
N GLU A 260 30.65 0.35 -6.21
CA GLU A 260 31.72 -0.55 -6.61
C GLU A 260 31.19 -1.96 -6.84
N ARG A 261 31.70 -2.61 -7.87
CA ARG A 261 31.38 -4.01 -8.12
CA ARG A 261 31.39 -4.02 -8.14
C ARG A 261 32.52 -4.89 -7.62
N VAL A 262 32.14 -5.98 -6.95
CA VAL A 262 33.07 -6.82 -6.22
C VAL A 262 32.80 -8.28 -6.52
N VAL A 263 33.77 -9.12 -6.17
CA VAL A 263 33.64 -10.56 -6.27
C VAL A 263 32.88 -11.08 -5.07
N VAL A 264 31.90 -11.93 -5.33
CA VAL A 264 31.05 -12.50 -4.30
C VAL A 264 31.06 -14.02 -4.43
N SER A 265 30.54 -14.67 -3.40
CA SER A 265 30.35 -16.11 -3.39
C SER A 265 28.87 -16.44 -3.42
N ILE A 266 28.56 -17.65 -3.85
CA ILE A 266 27.19 -18.15 -3.86
C ILE A 266 27.19 -19.58 -3.36
N ASP A 267 26.10 -19.97 -2.70
CA ASP A 267 25.97 -21.34 -2.19
C ASP A 267 24.75 -22.04 -2.77
N ARG A 268 24.57 -23.30 -2.34
CA ARG A 268 23.52 -24.17 -2.86
C ARG A 268 22.15 -23.50 -2.82
N PHE A 269 21.89 -22.72 -1.78
CA PHE A 269 20.57 -22.12 -1.57
C PHE A 269 20.49 -20.68 -2.04
N LEU A 270 21.44 -20.26 -2.88
CA LEU A 270 21.42 -18.95 -3.52
C LEU A 270 21.65 -17.80 -2.54
N ARG A 271 22.36 -18.09 -1.44
CA ARG A 271 22.86 -17.02 -0.57
C ARG A 271 24.14 -16.48 -1.17
N VAL A 272 24.17 -15.17 -1.37
CA VAL A 272 25.29 -14.47 -1.99
C VAL A 272 26.00 -13.69 -0.89
N ARG A 273 27.29 -13.93 -0.74
CA ARG A 273 28.09 -13.31 0.32
C ARG A 273 29.26 -12.52 -0.26
N ASP A 274 29.60 -11.42 0.38
CA ASP A 274 30.84 -10.75 0.04
C ASP A 274 32.03 -11.52 0.62
N GLN A 275 33.24 -11.03 0.32
CA GLN A 275 34.44 -11.73 0.74
C GLN A 275 34.60 -11.74 2.26
N ARG A 276 33.92 -10.84 2.98
CA ARG A 276 33.96 -10.84 4.44
C ARG A 276 32.80 -11.62 5.06
N GLY A 277 32.01 -12.31 4.25
CA GLY A 277 30.98 -13.19 4.74
C GLY A 277 29.61 -12.56 4.94
N ASN A 278 29.44 -11.29 4.61
CA ASN A 278 28.16 -10.64 4.77
C ASN A 278 27.20 -11.16 3.72
N VAL A 279 25.95 -11.46 4.12
CA VAL A 279 24.94 -11.99 3.20
C VAL A 279 24.27 -10.82 2.48
N LEU A 280 24.70 -10.58 1.26
CA LEU A 280 24.19 -9.46 0.48
C LEU A 280 22.79 -9.73 -0.09
N LEU A 281 22.55 -10.97 -0.53
CA LEU A 281 21.35 -11.31 -1.26
C LEU A 281 20.98 -12.75 -0.95
N SER A 282 19.69 -13.02 -1.05
CA SER A 282 19.14 -14.37 -1.06
C SER A 282 17.78 -14.30 -1.75
N PRO A 283 17.17 -15.44 -2.04
CA PRO A 283 15.84 -15.41 -2.70
C PRO A 283 14.78 -14.67 -1.90
N GLU A 284 14.91 -14.58 -0.58
CA GLU A 284 13.93 -13.85 0.21
C GLU A 284 13.89 -12.37 -0.16
N GLU A 285 14.94 -11.84 -0.77
CA GLU A 285 15.03 -10.44 -1.12
C GLU A 285 14.69 -10.17 -2.58
N VAL A 286 14.19 -11.17 -3.30
CA VAL A 286 13.73 -11.01 -4.67
C VAL A 286 12.26 -10.67 -4.64
N SER A 287 11.90 -9.60 -5.34
CA SER A 287 10.52 -9.14 -5.39
C SER A 287 9.59 -10.22 -5.93
N GLU A 288 8.38 -10.23 -5.40
CA GLU A 288 7.33 -11.08 -5.95
C GLU A 288 6.64 -10.49 -7.18
N THR A 289 6.99 -9.26 -7.57
CA THR A 289 6.34 -8.63 -8.71
C THR A 289 6.52 -9.47 -9.95
N GLN A 290 5.40 -9.74 -10.63
CA GLN A 290 5.41 -10.34 -11.95
C GLN A 290 5.25 -9.22 -12.97
N GLY A 291 5.71 -9.48 -14.19
CA GLY A 291 5.62 -8.56 -15.29
C GLY A 291 5.62 -9.29 -16.62
N THR A 292 5.36 -8.53 -17.68
CA THR A 292 5.31 -9.07 -19.04
C THR A 292 6.48 -8.53 -19.83
N GLU A 293 7.36 -9.42 -20.25
CA GLU A 293 8.59 -9.03 -20.91
C GLU A 293 8.30 -8.41 -22.27
N ARG A 294 9.09 -7.39 -22.61
CA ARG A 294 8.99 -6.75 -23.92
C ARG A 294 9.83 -7.44 -24.98
N LEU A 295 10.82 -8.23 -24.60
CA LEU A 295 11.55 -9.08 -25.51
C LEU A 295 11.19 -10.51 -25.17
N THR A 296 11.07 -11.36 -26.18
CA THR A 296 10.58 -12.70 -25.92
C THR A 296 11.59 -13.47 -25.09
N ILE A 297 11.10 -14.17 -24.08
CA ILE A 297 11.90 -15.07 -23.27
C ILE A 297 11.58 -16.47 -23.72
N THR A 298 12.61 -17.21 -24.11
CA THR A 298 12.44 -18.56 -24.61
C THR A 298 13.33 -19.50 -23.81
N TYR A 299 13.02 -20.79 -23.91
CA TYR A 299 13.68 -21.81 -23.15
C TYR A 299 13.89 -23.02 -24.03
N SER A 300 15.11 -23.54 -24.06
CA SER A 300 15.38 -24.72 -24.87
C SER A 300 15.45 -25.98 -24.00
N ASN B 20 -4.63 25.54 10.18
CA ASN B 20 -5.51 24.77 9.34
C ASN B 20 -5.24 23.29 9.61
N ASP B 21 -4.01 22.86 9.31
CA ASP B 21 -3.67 21.42 9.33
C ASP B 21 -4.08 20.70 10.63
N ASP B 22 -3.48 21.13 11.76
CA ASP B 22 -3.73 20.42 13.01
C ASP B 22 -5.19 20.51 13.44
N VAL B 23 -5.87 21.64 13.19
CA VAL B 23 -7.28 21.71 13.53
C VAL B 23 -8.07 20.72 12.69
N ASP B 24 -7.84 20.74 11.38
CA ASP B 24 -8.58 19.86 10.49
C ASP B 24 -8.36 18.41 10.85
N GLN B 25 -7.11 18.02 11.06
CA GLN B 25 -6.82 16.62 11.36
C GLN B 25 -7.36 16.23 12.72
N SER B 26 -7.33 17.12 13.70
CA SER B 26 -7.90 16.80 15.01
C SER B 26 -9.41 16.61 14.91
N LEU B 27 -10.08 17.47 14.13
CA LEU B 27 -11.51 17.32 13.89
C LEU B 27 -11.83 15.99 13.23
N ILE B 28 -11.04 15.61 12.23
CA ILE B 28 -11.22 14.32 11.55
C ILE B 28 -11.10 13.17 12.55
N ILE B 29 -10.08 13.19 13.40
CA ILE B 29 -9.90 12.11 14.36
C ILE B 29 -11.10 12.03 15.30
N ALA B 30 -11.53 13.17 15.84
CA ALA B 30 -12.66 13.16 16.75
C ALA B 30 -13.91 12.62 16.07
N ALA B 31 -14.17 13.07 14.84
CA ALA B 31 -15.36 12.64 14.11
C ALA B 31 -15.31 11.15 13.80
N ARG B 32 -14.16 10.65 13.35
CA ARG B 32 -14.05 9.23 13.07
C ARG B 32 -14.30 8.42 14.32
N ASN B 33 -13.71 8.82 15.44
CA ASN B 33 -13.88 8.05 16.66
C ASN B 33 -15.33 8.05 17.10
N ILE B 34 -16.02 9.18 16.94
CA ILE B 34 -17.43 9.28 17.28
C ILE B 34 -18.29 8.40 16.37
N VAL B 35 -18.06 8.46 15.05
CA VAL B 35 -18.85 7.63 14.13
C VAL B 35 -18.69 6.15 14.47
N ARG B 36 -17.45 5.73 14.71
CA ARG B 36 -17.22 4.31 15.02
C ARG B 36 -17.93 3.89 16.30
N ARG B 37 -17.87 4.72 17.35
CA ARG B 37 -18.54 4.37 18.60
C ARG B 37 -20.06 4.41 18.43
N ALA B 38 -20.56 5.36 17.67
CA ALA B 38 -22.00 5.47 17.50
C ALA B 38 -22.56 4.30 16.70
N THR B 39 -21.80 3.78 15.74
CA THR B 39 -22.30 2.73 14.86
CA THR B 39 -22.29 2.72 14.86
C THR B 39 -22.73 1.50 15.65
N VAL B 40 -22.10 1.23 16.80
CA VAL B 40 -22.42 0.04 17.58
C VAL B 40 -23.46 0.30 18.65
N SER B 41 -23.99 1.51 18.73
CA SER B 41 -25.07 1.84 19.65
CA SER B 41 -25.06 1.83 19.67
C SER B 41 -26.41 1.48 19.05
N THR B 42 -27.43 1.37 19.93
CA THR B 42 -28.76 0.99 19.42
C THR B 42 -29.33 2.04 18.47
N ASP B 43 -29.08 3.32 18.74
CA ASP B 43 -29.56 4.46 17.93
C ASP B 43 -28.34 5.31 17.59
N PRO B 44 -27.62 4.95 16.52
CA PRO B 44 -26.38 5.68 16.21
C PRO B 44 -26.54 7.18 16.05
N LEU B 45 -27.63 7.64 15.42
CA LEU B 45 -27.82 9.07 15.25
C LEU B 45 -27.87 9.80 16.58
N ALA B 46 -28.65 9.27 17.53
CA ALA B 46 -28.71 9.91 18.84
C ALA B 46 -27.36 9.85 19.55
N SER B 47 -26.68 8.70 19.47
CA SER B 47 -25.40 8.57 20.12
CA SER B 47 -25.38 8.54 20.10
C SER B 47 -24.38 9.55 19.55
N LEU B 48 -24.37 9.70 18.22
CA LEU B 48 -23.45 10.62 17.57
C LEU B 48 -23.72 12.04 18.01
N LEU B 49 -24.99 12.44 18.06
CA LEU B 49 -25.33 13.79 18.48
C LEU B 49 -24.90 14.03 19.92
N GLU B 50 -25.14 13.06 20.79
CA GLU B 50 -24.75 13.23 22.19
C GLU B 50 -23.23 13.37 22.30
N MET B 51 -22.50 12.54 21.57
CA MET B 51 -21.04 12.61 21.64
CA MET B 51 -21.04 12.61 21.64
C MET B 51 -20.52 13.91 21.07
N CYS B 52 -21.04 14.35 19.92
CA CYS B 52 -20.57 15.63 19.37
C CYS B 52 -20.84 16.77 20.36
N HIS B 53 -22.00 16.75 21.00
CA HIS B 53 -22.31 17.85 21.91
CA HIS B 53 -22.40 17.78 21.97
C HIS B 53 -21.51 17.80 23.19
N SER B 54 -20.89 16.67 23.51
CA SER B 54 -20.12 16.55 24.75
CA SER B 54 -20.13 16.47 24.74
C SER B 54 -18.62 16.48 24.53
N THR B 55 -18.15 16.69 23.30
CA THR B 55 -16.74 16.63 22.98
C THR B 55 -16.16 18.01 22.75
N GLN B 56 -14.95 18.22 23.25
CA GLN B 56 -14.17 19.41 22.98
C GLN B 56 -12.85 19.02 22.33
N ILE B 57 -12.39 19.87 21.44
CA ILE B 57 -11.14 19.69 20.71
C ILE B 57 -10.31 20.94 20.97
N GLY B 58 -9.14 20.78 21.57
CA GLY B 58 -8.36 21.95 21.93
C GLY B 58 -9.11 22.90 22.83
N GLY B 59 -10.04 22.39 23.62
CA GLY B 59 -10.82 23.22 24.52
C GLY B 59 -11.99 23.94 23.91
N ILE B 60 -12.30 23.69 22.64
CA ILE B 60 -13.42 24.32 21.94
C ILE B 60 -14.47 23.25 21.68
N ARG B 61 -15.75 23.59 21.87
CA ARG B 61 -16.81 22.63 21.59
C ARG B 61 -16.72 22.14 20.14
N MET B 62 -16.81 20.83 19.98
CA MET B 62 -16.76 20.26 18.64
C MET B 62 -17.84 20.84 17.72
N VAL B 63 -19.03 21.10 18.25
CA VAL B 63 -20.09 21.63 17.39
C VAL B 63 -19.71 22.99 16.83
N ASP B 64 -19.00 23.81 17.60
CA ASP B 64 -18.58 25.12 17.09
C ASP B 64 -17.59 24.96 15.94
N ILE B 65 -16.72 23.96 16.03
CA ILE B 65 -15.78 23.70 14.94
C ILE B 65 -16.51 23.17 13.72
N LEU B 66 -17.44 22.24 13.91
CA LEU B 66 -18.18 21.71 12.76
C LEU B 66 -18.93 22.80 12.01
N ARG B 67 -19.41 23.83 12.70
CA ARG B 67 -20.17 24.88 12.06
C ARG B 67 -19.31 25.82 11.24
N GLN B 68 -18.01 25.89 11.51
CA GLN B 68 -17.16 26.87 10.84
C GLN B 68 -16.07 26.26 9.99
N ASN B 69 -15.70 25.05 10.20
CA ASN B 69 -14.53 24.48 9.56
C ASN B 69 -14.92 23.80 8.25
N PRO B 70 -14.21 24.06 7.15
CA PRO B 70 -14.65 23.57 5.82
C PRO B 70 -14.20 22.17 5.45
N THR B 71 -13.63 21.39 6.36
CA THR B 71 -13.15 20.06 6.03
C THR B 71 -14.31 19.17 5.55
N GLU B 72 -14.07 18.37 4.49
CA GLU B 72 -15.12 17.55 3.88
C GLU B 72 -14.93 16.03 3.97
N GLU B 73 -14.19 15.55 4.95
CA GLU B 73 -13.92 14.15 5.15
C GLU B 73 -15.20 13.42 5.56
N GLN B 74 -15.23 12.12 5.34
CA GLN B 74 -16.46 11.34 5.46
C GLN B 74 -17.09 11.43 6.84
N ALA B 75 -16.33 11.11 7.91
CA ALA B 75 -16.89 11.17 9.25
C ALA B 75 -17.30 12.59 9.62
N VAL B 76 -16.47 13.58 9.27
CA VAL B 76 -16.81 14.97 9.56
C VAL B 76 -18.14 15.34 8.92
N ASP B 77 -18.35 14.91 7.67
CA ASP B 77 -19.56 15.26 6.95
C ASP B 77 -20.78 14.53 7.47
N ILE B 78 -20.61 13.30 8.00
CA ILE B 78 -21.71 12.65 8.71
C ILE B 78 -22.12 13.47 9.92
N CYS B 79 -21.13 13.95 10.70
CA CYS B 79 -21.45 14.77 11.86
C CYS B 79 -22.13 16.09 11.45
N LYS B 80 -21.64 16.71 10.37
CA LYS B 80 -22.27 17.95 9.90
C LYS B 80 -23.71 17.70 9.48
N ALA B 81 -23.95 16.60 8.77
CA ALA B 81 -25.31 16.27 8.33
C ALA B 81 -26.25 16.11 9.51
N ALA B 82 -25.77 15.51 10.59
CA ALA B 82 -26.60 15.30 11.77
C ALA B 82 -27.04 16.63 12.39
N MET B 83 -26.31 17.70 12.12
CA MET B 83 -26.63 19.02 12.61
CA MET B 83 -26.61 19.03 12.62
C MET B 83 -27.30 19.86 11.61
N GLY B 84 -27.70 19.30 10.49
CA GLY B 84 -28.39 20.07 9.48
C GLY B 84 -27.52 20.97 8.62
N LEU B 85 -26.20 20.82 8.69
CA LEU B 85 -25.32 21.67 7.91
C LEU B 85 -25.23 21.16 6.47
N ARG B 86 -25.03 22.10 5.54
CA ARG B 86 -24.81 21.70 4.17
C ARG B 86 -23.42 21.10 4.01
N ILE B 87 -23.32 20.11 3.14
CA ILE B 87 -22.08 19.38 2.91
C ILE B 87 -21.87 19.20 1.42
N SER B 88 -20.67 18.78 1.07
CA SER B 88 -20.38 18.47 -0.33
C SER B 88 -21.44 17.54 -0.92
N SER B 89 -21.79 17.81 -2.17
CA SER B 89 -22.74 16.94 -2.87
C SER B 89 -22.11 15.66 -3.40
N SER B 90 -20.80 15.50 -3.30
CA SER B 90 -20.11 14.31 -3.79
C SER B 90 -20.40 13.12 -2.89
N PHE B 91 -20.05 11.94 -3.38
CA PHE B 91 -20.24 10.70 -2.62
C PHE B 91 -18.90 9.99 -2.46
N SER B 92 -18.87 9.04 -1.53
CA SER B 92 -17.66 8.25 -1.28
C SER B 92 -17.89 6.79 -1.64
N PHE B 93 -16.93 6.20 -2.36
CA PHE B 93 -16.96 4.76 -2.61
C PHE B 93 -15.52 4.27 -2.59
N GLY B 94 -15.25 3.27 -1.76
CA GLY B 94 -13.89 2.79 -1.61
C GLY B 94 -12.96 3.82 -1.02
N GLY B 95 -13.49 4.81 -0.30
CA GLY B 95 -12.70 5.90 0.20
C GLY B 95 -12.40 6.99 -0.80
N PHE B 96 -12.73 6.80 -2.08
CA PHE B 96 -12.56 7.83 -3.10
C PHE B 96 -13.76 8.75 -3.10
N THR B 97 -13.50 10.05 -3.24
CA THR B 97 -14.57 11.02 -3.45
C THR B 97 -14.94 11.03 -4.93
N PHE B 98 -16.20 10.73 -5.22
CA PHE B 98 -16.73 10.72 -6.59
C PHE B 98 -17.57 11.98 -6.78
N LYS B 99 -17.32 12.69 -7.87
CA LYS B 99 -18.14 13.83 -8.30
C LYS B 99 -18.61 13.53 -9.71
N ARG B 100 -19.92 13.52 -9.91
CA ARG B 100 -20.45 13.33 -11.26
C ARG B 100 -20.30 14.65 -12.01
N THR B 101 -19.56 14.63 -13.12
CA THR B 101 -19.32 15.83 -13.92
C THR B 101 -20.20 15.92 -15.16
N SER B 102 -20.79 14.83 -15.62
N SER B 102 -20.83 14.82 -15.57
CA SER B 102 -21.82 14.95 -16.64
CA SER B 102 -21.67 14.83 -16.75
C SER B 102 -22.62 13.66 -16.70
C SER B 102 -22.58 13.60 -16.74
N GLY B 103 -23.71 13.72 -17.42
CA GLY B 103 -24.58 12.59 -17.61
C GLY B 103 -25.60 12.41 -16.52
N SER B 104 -26.28 11.26 -16.59
CA SER B 104 -27.38 10.95 -15.69
C SER B 104 -27.60 9.45 -15.69
N SER B 105 -28.27 8.97 -14.64
CA SER B 105 -28.63 7.56 -14.60
C SER B 105 -29.92 7.36 -13.82
N VAL B 106 -30.61 6.28 -14.15
CA VAL B 106 -31.74 5.81 -13.37
C VAL B 106 -31.37 4.45 -12.79
N LYS B 107 -31.97 4.11 -11.67
CA LYS B 107 -31.68 2.85 -10.99
C LYS B 107 -32.77 1.82 -11.29
N LYS B 108 -32.32 0.59 -11.54
CA LYS B 108 -33.21 -0.55 -11.75
C LYS B 108 -32.66 -1.72 -10.97
N GLU B 109 -33.51 -2.32 -10.14
CA GLU B 109 -33.08 -3.49 -9.37
C GLU B 109 -32.98 -4.69 -10.30
N GLU B 110 -31.86 -5.40 -10.23
CA GLU B 110 -31.62 -6.58 -11.06
C GLU B 110 -30.98 -7.67 -10.21
N GLU B 111 -31.40 -8.89 -10.44
CA GLU B 111 -30.79 -10.05 -9.81
C GLU B 111 -29.72 -10.58 -10.76
N VAL B 112 -28.48 -10.63 -10.28
CA VAL B 112 -27.36 -11.11 -11.07
C VAL B 112 -26.79 -12.35 -10.40
N LEU B 113 -26.25 -13.26 -11.20
CA LEU B 113 -25.59 -14.46 -10.67
C LEU B 113 -24.09 -14.18 -10.60
N THR B 114 -23.52 -14.27 -9.40
CA THR B 114 -22.10 -14.01 -9.25
C THR B 114 -21.27 -15.27 -9.49
N GLY B 115 -19.96 -15.07 -9.60
CA GLY B 115 -19.02 -16.16 -9.77
C GLY B 115 -18.97 -17.13 -8.61
N ASN B 116 -19.57 -16.82 -7.45
CA ASN B 116 -19.69 -17.77 -6.36
C ASN B 116 -20.92 -18.63 -6.47
N LEU B 117 -21.69 -18.46 -7.55
CA LEU B 117 -22.84 -19.29 -7.89
C LEU B 117 -24.06 -18.96 -7.06
N GLN B 118 -24.06 -17.82 -6.40
CA GLN B 118 -25.21 -17.27 -5.73
C GLN B 118 -25.58 -15.93 -6.34
N THR B 119 -26.83 -15.56 -6.18
CA THR B 119 -27.33 -14.33 -6.75
C THR B 119 -27.15 -13.16 -5.78
N LEU B 120 -27.09 -11.97 -6.35
CA LEU B 120 -27.09 -10.71 -5.64
C LEU B 120 -28.14 -9.83 -6.29
N LYS B 121 -28.87 -9.07 -5.49
CA LYS B 121 -29.81 -8.08 -6.05
C LYS B 121 -29.14 -6.71 -5.98
N ILE B 122 -28.86 -6.13 -7.14
CA ILE B 122 -28.09 -4.89 -7.24
C ILE B 122 -28.96 -3.81 -7.86
N ARG B 123 -28.80 -2.59 -7.38
CA ARG B 123 -29.40 -1.43 -8.02
C ARG B 123 -28.51 -0.99 -9.17
N VAL B 124 -28.88 -1.42 -10.38
CA VAL B 124 -28.08 -1.14 -11.57
C VAL B 124 -28.36 0.28 -12.05
N HIS B 125 -27.30 1.04 -12.32
CA HIS B 125 -27.46 2.36 -12.88
C HIS B 125 -27.47 2.30 -14.41
N GLU B 126 -28.50 2.86 -15.00
CA GLU B 126 -28.69 2.86 -16.44
C GLU B 126 -28.49 4.29 -16.95
N GLY B 127 -27.52 4.46 -17.85
CA GLY B 127 -27.21 5.74 -18.45
C GLY B 127 -25.72 5.98 -18.54
N TYR B 128 -25.36 6.95 -19.38
CA TYR B 128 -23.97 7.39 -19.53
C TYR B 128 -23.67 8.47 -18.51
N GLU B 129 -22.57 8.27 -17.77
CA GLU B 129 -22.14 9.21 -16.75
C GLU B 129 -20.63 9.33 -16.76
N GLU B 130 -20.15 10.52 -16.37
CA GLU B 130 -18.74 10.78 -16.16
C GLU B 130 -18.53 11.26 -14.74
N PHE B 131 -17.42 10.81 -14.13
CA PHE B 131 -17.08 11.19 -12.77
C PHE B 131 -15.60 11.54 -12.70
N THR B 132 -15.26 12.36 -11.71
CA THR B 132 -13.91 12.36 -11.17
C THR B 132 -13.89 11.53 -9.89
N MET B 133 -12.76 10.86 -9.66
CA MET B 133 -12.48 10.16 -8.42
C MET B 133 -11.24 10.81 -7.82
N VAL B 134 -11.32 11.16 -6.54
CA VAL B 134 -10.18 11.75 -5.84
C VAL B 134 -9.91 10.96 -4.58
N GLY B 135 -8.71 10.38 -4.49
CA GLY B 135 -8.21 9.74 -3.30
C GLY B 135 -6.95 10.41 -2.78
N ARG B 136 -6.40 9.84 -1.71
CA ARG B 136 -5.20 10.41 -1.11
C ARG B 136 -3.98 10.23 -1.98
N ARG B 137 -3.94 9.17 -2.80
N ARG B 137 -3.94 9.18 -2.79
CA ARG B 137 -2.75 8.79 -3.55
CA ARG B 137 -2.75 8.83 -3.56
C ARG B 137 -3.04 8.55 -5.03
C ARG B 137 -3.02 8.65 -5.05
N ALA B 138 -4.26 8.79 -5.49
CA ALA B 138 -4.60 8.59 -6.88
C ALA B 138 -5.84 9.39 -7.20
N THR B 139 -5.97 9.75 -8.47
CA THR B 139 -7.16 10.41 -8.99
CA THR B 139 -7.12 10.46 -9.02
C THR B 139 -7.48 9.81 -10.34
N ALA B 140 -8.73 9.96 -10.77
CA ALA B 140 -9.12 9.40 -12.05
C ALA B 140 -10.31 10.12 -12.65
N ILE B 141 -10.43 9.98 -13.96
CA ILE B 141 -11.66 10.26 -14.68
C ILE B 141 -12.26 8.91 -15.05
N LEU B 142 -13.54 8.73 -14.73
CA LEU B 142 -14.27 7.50 -15.03
C LEU B 142 -15.47 7.84 -15.89
N ARG B 143 -15.54 7.21 -17.06
CA ARG B 143 -16.70 7.33 -17.93
C ARG B 143 -17.32 5.96 -18.07
N LYS B 144 -18.65 5.89 -17.93
CA LYS B 144 -19.34 4.61 -18.02
C LYS B 144 -20.70 4.75 -18.67
N ALA B 145 -21.19 3.62 -19.17
CA ALA B 145 -22.56 3.43 -19.59
C ALA B 145 -23.15 2.30 -18.75
N THR B 146 -24.33 1.83 -19.12
CA THR B 146 -24.98 0.81 -18.31
C THR B 146 -24.11 -0.44 -18.24
N ARG B 147 -23.70 -0.81 -17.02
CA ARG B 147 -22.88 -1.99 -16.77
C ARG B 147 -21.71 -2.08 -17.75
N ARG B 148 -21.06 -0.95 -18.00
CA ARG B 148 -19.99 -0.89 -19.01
C ARG B 148 -19.03 0.25 -18.69
N LEU B 149 -17.81 -0.10 -18.33
N LEU B 149 -17.78 -0.09 -18.42
CA LEU B 149 -16.75 0.91 -18.27
CA LEU B 149 -16.74 0.92 -18.24
C LEU B 149 -16.43 1.34 -19.69
C LEU B 149 -16.21 1.35 -19.60
N ILE B 150 -16.35 2.63 -19.92
CA ILE B 150 -15.98 3.16 -21.24
C ILE B 150 -14.53 3.61 -21.23
N GLN B 151 -14.15 4.38 -20.22
CA GLN B 151 -12.77 4.84 -20.08
C GLN B 151 -12.49 5.12 -18.61
N LEU B 152 -11.30 4.74 -18.15
CA LEU B 152 -10.78 5.13 -16.85
C LEU B 152 -9.39 5.67 -17.10
N ILE B 153 -9.18 6.97 -16.87
CA ILE B 153 -7.86 7.58 -16.96
C ILE B 153 -7.41 7.84 -15.53
N VAL B 154 -6.39 7.11 -15.09
CA VAL B 154 -5.97 7.10 -13.70
C VAL B 154 -4.55 7.64 -13.58
N SER B 155 -4.35 8.45 -12.55
CA SER B 155 -3.04 8.98 -12.20
CA SER B 155 -3.04 8.98 -12.20
C SER B 155 -2.79 8.63 -10.74
N GLY B 156 -1.57 8.25 -10.41
CA GLY B 156 -1.32 7.92 -9.02
C GLY B 156 0.14 7.94 -8.69
N ARG B 157 0.41 7.94 -7.38
CA ARG B 157 1.77 8.10 -6.89
C ARG B 157 2.61 6.83 -7.06
N ASP B 158 1.99 5.67 -7.22
CA ASP B 158 2.72 4.44 -7.51
C ASP B 158 1.73 3.39 -8.01
N GLU B 159 2.27 2.22 -8.34
CA GLU B 159 1.45 1.18 -8.96
C GLU B 159 0.36 0.70 -8.02
N GLN B 160 0.67 0.52 -6.74
CA GLN B 160 -0.34 0.04 -5.81
C GLN B 160 -1.51 1.01 -5.70
N SER B 161 -1.22 2.31 -5.68
CA SER B 161 -2.29 3.29 -5.55
CA SER B 161 -2.29 3.31 -5.56
C SER B 161 -3.14 3.33 -6.81
N ILE B 162 -2.52 3.14 -7.97
CA ILE B 162 -3.27 3.05 -9.22
C ILE B 162 -4.17 1.82 -9.19
N ALA B 163 -3.64 0.69 -8.73
CA ALA B 163 -4.43 -0.54 -8.67
C ALA B 163 -5.65 -0.37 -7.78
N GLU B 164 -5.48 0.30 -6.63
CA GLU B 164 -6.59 0.54 -5.72
C GLU B 164 -7.72 1.29 -6.41
N ALA B 165 -7.38 2.32 -7.18
CA ALA B 165 -8.39 3.07 -7.92
C ALA B 165 -9.05 2.22 -9.00
N ILE B 166 -8.27 1.39 -9.70
CA ILE B 166 -8.82 0.54 -10.75
C ILE B 166 -9.83 -0.45 -10.17
N ILE B 167 -9.51 -1.04 -9.01
CA ILE B 167 -10.45 -1.98 -8.38
C ILE B 167 -11.77 -1.29 -8.10
N VAL B 168 -11.71 -0.11 -7.50
CA VAL B 168 -12.93 0.61 -7.16
C VAL B 168 -13.73 0.91 -8.42
N ALA B 169 -13.05 1.37 -9.48
CA ALA B 169 -13.73 1.68 -10.73
C ALA B 169 -14.36 0.44 -11.36
N MET B 170 -13.66 -0.71 -11.33
CA MET B 170 -14.22 -1.91 -11.94
C MET B 170 -15.47 -2.37 -11.18
N VAL B 171 -15.46 -2.27 -9.86
CA VAL B 171 -16.65 -2.61 -9.09
C VAL B 171 -17.78 -1.63 -9.40
N PHE B 172 -17.46 -0.33 -9.35
CA PHE B 172 -18.44 0.71 -9.61
C PHE B 172 -19.09 0.56 -10.99
N SER B 173 -18.32 0.05 -11.95
CA SER B 173 -18.84 -0.09 -13.31
C SER B 173 -20.02 -1.06 -13.38
N GLN B 174 -20.14 -1.98 -12.41
CA GLN B 174 -21.19 -2.99 -12.38
C GLN B 174 -21.09 -3.99 -13.55
N GLU B 175 -19.94 -4.07 -14.20
CA GLU B 175 -19.78 -4.97 -15.32
C GLU B 175 -19.97 -6.44 -14.92
N ASP B 176 -20.54 -7.20 -15.85
CA ASP B 176 -20.76 -8.61 -15.59
C ASP B 176 -19.46 -9.38 -15.41
N CYS B 177 -18.37 -8.98 -16.08
CA CYS B 177 -17.13 -9.74 -15.87
C CYS B 177 -16.62 -9.56 -14.44
N MET B 178 -16.93 -8.43 -13.82
CA MET B 178 -16.57 -8.24 -12.42
C MET B 178 -17.47 -9.10 -11.54
N ILE B 179 -18.77 -9.12 -11.81
CA ILE B 179 -19.69 -9.97 -11.06
C ILE B 179 -19.26 -11.44 -11.16
N LYS B 180 -18.87 -11.87 -12.37
CA LYS B 180 -18.48 -13.25 -12.59
C LYS B 180 -17.11 -13.58 -11.99
N ALA B 181 -16.32 -12.57 -11.62
CA ALA B 181 -15.02 -12.81 -10.99
C ALA B 181 -15.11 -13.05 -9.50
N VAL B 182 -16.29 -12.88 -8.88
CA VAL B 182 -16.42 -13.13 -7.45
C VAL B 182 -16.13 -14.59 -7.14
N ARG B 183 -15.43 -14.81 -6.04
CA ARG B 183 -15.20 -16.13 -5.48
C ARG B 183 -15.49 -16.01 -3.99
N GLY B 184 -16.01 -17.07 -3.40
CA GLY B 184 -16.33 -17.05 -2.00
C GLY B 184 -17.60 -16.27 -1.69
N ASP B 185 -18.02 -16.40 -0.44
CA ASP B 185 -19.31 -15.87 -0.05
C ASP B 185 -19.24 -14.36 0.15
N LEU B 186 -20.38 -13.72 -0.03
CA LEU B 186 -20.48 -12.28 0.18
C LEU B 186 -21.37 -12.07 1.39
N ASN B 187 -20.76 -12.23 2.58
CA ASN B 187 -21.46 -12.06 3.85
C ASN B 187 -20.72 -11.09 4.76
N PHE B 188 -20.10 -10.07 4.19
CA PHE B 188 -19.42 -9.07 4.97
C PHE B 188 -20.41 -8.29 5.83
N VAL B 189 -19.97 -7.92 7.04
CA VAL B 189 -20.78 -7.13 7.95
C VAL B 189 -19.94 -5.98 8.49
N ASN B 190 -20.62 -5.00 9.06
CA ASN B 190 -19.97 -3.89 9.75
C ASN B 190 -19.75 -4.22 11.23
N ARG B 191 -19.23 -3.22 11.98
N ARG B 191 -19.24 -3.23 11.98
CA ARG B 191 -18.95 -3.40 13.39
CA ARG B 191 -18.93 -3.40 13.39
C ARG B 191 -20.17 -3.88 14.16
C ARG B 191 -20.14 -3.66 14.26
N ALA B 192 -21.34 -3.43 13.74
CA ALA B 192 -22.59 -3.73 14.42
C ALA B 192 -23.22 -5.02 13.94
N ASN B 193 -22.49 -5.79 13.13
CA ASN B 193 -22.95 -7.06 12.60
C ASN B 193 -24.11 -6.91 11.62
N GLN B 194 -24.19 -5.76 10.95
CA GLN B 194 -25.17 -5.49 9.90
C GLN B 194 -24.54 -5.78 8.53
N ARG B 195 -25.28 -6.50 7.69
CA ARG B 195 -24.76 -6.87 6.38
C ARG B 195 -24.50 -5.63 5.53
N LEU B 196 -23.35 -5.61 4.85
CA LEU B 196 -23.07 -4.55 3.91
C LEU B 196 -23.96 -4.66 2.68
N ASN B 197 -24.21 -3.52 2.03
CA ASN B 197 -25.02 -3.52 0.81
C ASN B 197 -24.24 -4.17 -0.33
N PRO B 198 -24.93 -4.55 -1.41
CA PRO B 198 -24.27 -5.36 -2.45
C PRO B 198 -23.01 -4.74 -3.06
N MET B 199 -23.03 -3.43 -3.33
CA MET B 199 -21.85 -2.81 -3.91
C MET B 199 -20.67 -2.88 -2.94
N HIS B 200 -20.93 -2.72 -1.64
CA HIS B 200 -19.87 -2.85 -0.66
C HIS B 200 -19.43 -4.30 -0.46
N GLN B 201 -20.36 -5.28 -0.59
CA GLN B 201 -19.93 -6.68 -0.56
C GLN B 201 -18.90 -6.94 -1.64
N LEU B 202 -19.22 -6.52 -2.86
CA LEU B 202 -18.33 -6.73 -3.99
C LEU B 202 -17.00 -6.03 -3.75
N LEU B 203 -17.05 -4.77 -3.30
CA LEU B 203 -15.81 -4.03 -3.11
C LEU B 203 -14.93 -4.68 -2.06
N ARG B 204 -15.50 -5.06 -0.91
CA ARG B 204 -14.70 -5.68 0.13
C ARG B 204 -14.06 -6.96 -0.36
N HIS B 205 -14.79 -7.75 -1.16
CA HIS B 205 -14.22 -8.97 -1.69
C HIS B 205 -13.01 -8.69 -2.57
N PHE B 206 -13.13 -7.77 -3.52
CA PHE B 206 -12.06 -7.54 -4.47
C PHE B 206 -10.90 -6.75 -3.87
N GLN B 207 -11.12 -5.98 -2.80
CA GLN B 207 -9.99 -5.37 -2.11
C GLN B 207 -9.13 -6.42 -1.42
N LYS B 208 -9.71 -7.57 -1.07
CA LYS B 208 -8.92 -8.65 -0.48
C LYS B 208 -8.04 -9.32 -1.52
N ASP B 209 -8.59 -9.58 -2.71
CA ASP B 209 -7.81 -10.17 -3.79
C ASP B 209 -8.43 -9.77 -5.11
N ALA B 210 -7.63 -9.13 -5.96
CA ALA B 210 -8.12 -8.66 -7.26
C ALA B 210 -7.56 -9.47 -8.43
N LYS B 211 -6.86 -10.57 -8.18
CA LYS B 211 -6.21 -11.28 -9.27
C LYS B 211 -7.21 -11.82 -10.29
N VAL B 212 -8.28 -12.47 -9.81
CA VAL B 212 -9.27 -13.02 -10.74
C VAL B 212 -9.98 -11.90 -11.47
N LEU B 213 -10.31 -10.81 -10.75
CA LEU B 213 -10.93 -9.64 -11.37
C LEU B 213 -10.08 -9.13 -12.52
N PHE B 214 -8.79 -8.90 -12.27
CA PHE B 214 -7.92 -8.32 -13.28
C PHE B 214 -7.69 -9.28 -14.44
N GLN B 215 -7.57 -10.57 -14.15
CA GLN B 215 -7.29 -11.54 -15.20
C GLN B 215 -8.49 -11.77 -16.11
N ASN B 216 -9.71 -11.52 -15.63
CA ASN B 216 -10.93 -11.78 -16.40
C ASN B 216 -11.48 -10.52 -17.06
N TRP B 217 -10.88 -9.36 -16.80
CA TRP B 217 -11.43 -8.09 -17.28
C TRP B 217 -11.28 -7.93 -18.79
N GLY B 218 -10.13 -8.29 -19.33
CA GLY B 218 -9.81 -8.15 -20.73
C GLY B 218 -8.73 -7.11 -20.97
N ILE B 219 -7.94 -7.33 -22.01
CA ILE B 219 -6.90 -6.38 -22.41
C ILE B 219 -7.14 -5.99 -23.86
N GLU B 220 -6.47 -4.91 -24.27
CA GLU B 220 -6.64 -4.36 -25.60
C GLU B 220 -5.36 -3.66 -26.03
N PRO B 221 -5.10 -3.55 -27.32
CA PRO B 221 -3.96 -2.74 -27.77
C PRO B 221 -4.28 -1.27 -27.61
N ILE B 222 -3.22 -0.47 -27.46
CA ILE B 222 -3.37 0.97 -27.24
C ILE B 222 -2.46 1.73 -28.20
N ASP B 223 -2.74 3.02 -28.33
CA ASP B 223 -1.92 3.93 -29.12
C ASP B 223 -0.84 4.56 -28.25
N ASN B 224 0.30 4.86 -28.85
CA ASN B 224 1.35 5.59 -28.15
C ASN B 224 0.98 7.08 -28.11
N VAL B 225 0.78 7.61 -26.90
CA VAL B 225 0.61 9.04 -26.69
C VAL B 225 1.38 9.42 -25.44
N MET B 226 2.25 10.42 -25.56
CA MET B 226 3.11 10.81 -24.45
C MET B 226 2.28 11.06 -23.19
N GLY B 227 2.81 10.61 -22.06
CA GLY B 227 2.13 10.77 -20.79
C GLY B 227 0.83 10.01 -20.67
N MET B 228 0.63 8.98 -21.50
CA MET B 228 -0.58 8.15 -21.47
C MET B 228 -0.10 6.75 -21.84
N ILE B 229 -0.19 5.80 -20.90
CA ILE B 229 0.40 4.48 -21.06
C ILE B 229 -0.58 3.44 -20.53
N GLY B 230 -0.32 2.18 -20.87
CA GLY B 230 -1.19 1.09 -20.44
C GLY B 230 -0.75 0.46 -19.14
N ILE B 231 -1.65 -0.32 -18.56
CA ILE B 231 -1.35 -1.10 -17.36
C ILE B 231 -1.94 -2.50 -17.56
N LEU B 232 -1.13 -3.51 -17.34
CA LEU B 232 -1.54 -4.89 -17.61
C LEU B 232 -2.19 -5.49 -16.38
N PRO B 233 -2.82 -6.66 -16.54
CA PRO B 233 -3.47 -7.30 -15.38
C PRO B 233 -2.55 -7.56 -14.20
N ASP B 234 -1.25 -7.78 -14.43
CA ASP B 234 -0.30 -7.98 -13.33
C ASP B 234 0.22 -6.65 -12.80
N MET B 235 -0.49 -5.56 -13.11
CA MET B 235 -0.26 -4.25 -12.51
C MET B 235 1.08 -3.67 -12.89
N THR B 236 1.62 -4.09 -14.05
CA THR B 236 2.87 -3.56 -14.55
C THR B 236 2.63 -2.74 -15.83
N PRO B 237 3.48 -1.75 -16.12
CA PRO B 237 3.19 -0.82 -17.22
C PRO B 237 3.53 -1.40 -18.58
N SER B 238 2.78 -0.95 -19.59
CA SER B 238 2.96 -1.42 -20.94
C SER B 238 2.70 -0.28 -21.92
N THR B 239 3.53 -0.19 -22.94
CA THR B 239 3.32 0.79 -23.99
C THR B 239 2.48 0.24 -25.14
N GLU B 240 2.14 -1.04 -25.11
CA GLU B 240 1.50 -1.70 -26.24
C GLU B 240 0.09 -2.20 -25.95
N MET B 241 -0.22 -2.55 -24.70
CA MET B 241 -1.51 -3.12 -24.34
C MET B 241 -1.93 -2.51 -23.03
N SER B 242 -3.21 -2.70 -22.69
CA SER B 242 -3.69 -2.28 -21.38
C SER B 242 -4.97 -3.03 -21.05
N LEU B 243 -5.27 -3.08 -19.76
CA LEU B 243 -6.62 -3.44 -19.33
C LEU B 243 -7.63 -2.62 -20.12
N ARG B 244 -8.68 -3.29 -20.56
CA ARG B 244 -9.72 -2.69 -21.39
C ARG B 244 -10.29 -1.43 -20.75
N GLY B 245 -10.23 -0.33 -21.50
CA GLY B 245 -10.74 0.95 -21.08
C GLY B 245 -9.82 1.75 -20.18
N VAL B 246 -8.71 1.17 -19.70
CA VAL B 246 -7.90 1.80 -18.66
C VAL B 246 -6.64 2.39 -19.28
N ARG B 247 -6.33 3.64 -18.91
CA ARG B 247 -5.07 4.27 -19.30
C ARG B 247 -4.52 4.98 -18.07
N VAL B 248 -3.21 5.04 -17.98
CA VAL B 248 -2.49 5.71 -16.90
C VAL B 248 -1.89 7.01 -17.43
N SER B 249 -2.16 8.10 -16.72
CA SER B 249 -1.69 9.43 -17.05
C SER B 249 -0.73 9.93 -15.98
N LYS B 250 0.14 10.85 -16.37
CA LYS B 250 1.02 11.45 -15.36
C LYS B 250 0.36 12.59 -14.60
N MET B 251 -0.57 13.30 -15.22
CA MET B 251 -1.20 14.45 -14.59
C MET B 251 -2.62 14.09 -14.19
N GLY B 252 -3.05 14.60 -13.04
CA GLY B 252 -4.40 14.33 -12.57
C GLY B 252 -5.35 15.51 -12.69
N THR B 259 -16.44 22.50 -4.81
CA THR B 259 -17.66 21.70 -4.93
C THR B 259 -18.82 22.38 -4.21
N GLU B 260 -20.01 22.18 -4.76
CA GLU B 260 -21.21 22.80 -4.22
C GLU B 260 -21.60 22.12 -2.90
N ARG B 261 -22.05 22.90 -1.93
CA ARG B 261 -22.59 22.34 -0.70
C ARG B 261 -24.12 22.35 -0.75
N VAL B 262 -24.71 21.24 -0.31
CA VAL B 262 -26.13 20.97 -0.49
C VAL B 262 -26.74 20.46 0.81
N VAL B 263 -28.08 20.50 0.84
CA VAL B 263 -28.86 19.99 1.95
C VAL B 263 -28.97 18.48 1.83
N VAL B 264 -28.71 17.78 2.92
CA VAL B 264 -28.75 16.33 2.94
C VAL B 264 -29.63 15.86 4.09
N SER B 265 -30.02 14.59 4.00
CA SER B 265 -30.74 13.93 5.09
C SER B 265 -29.84 12.92 5.77
N ILE B 266 -30.20 12.57 7.01
CA ILE B 266 -29.48 11.56 7.78
C ILE B 266 -30.50 10.69 8.50
N ASP B 267 -30.18 9.41 8.62
CA ASP B 267 -31.09 8.47 9.30
C ASP B 267 -30.45 7.87 10.55
N ARG B 268 -31.24 7.02 11.21
CA ARG B 268 -30.83 6.43 12.48
C ARG B 268 -29.47 5.77 12.41
N PHE B 269 -29.14 5.19 11.27
CA PHE B 269 -27.92 4.42 11.09
C PHE B 269 -26.83 5.21 10.38
N LEU B 270 -26.97 6.54 10.34
CA LEU B 270 -25.93 7.43 9.82
C LEU B 270 -25.75 7.31 8.31
N ARG B 271 -26.80 6.91 7.60
CA ARG B 271 -26.73 7.00 6.14
CA ARG B 271 -26.78 7.02 6.14
C ARG B 271 -27.15 8.42 5.81
N VAL B 272 -26.32 9.07 4.96
CA VAL B 272 -26.51 10.44 4.52
C VAL B 272 -26.89 10.43 3.04
N ARG B 273 -28.02 11.05 2.72
CA ARG B 273 -28.57 11.06 1.38
C ARG B 273 -28.77 12.49 0.86
N ASP B 274 -28.60 12.67 -0.45
CA ASP B 274 -28.98 13.93 -1.04
C ASP B 274 -30.50 13.99 -1.24
N GLN B 275 -30.96 15.12 -1.78
CA GLN B 275 -32.40 15.32 -1.94
C GLN B 275 -33.01 14.36 -2.95
N ARG B 276 -32.20 13.78 -3.83
CA ARG B 276 -32.67 12.79 -4.80
C ARG B 276 -32.54 11.37 -4.29
N GLY B 277 -32.13 11.17 -3.05
CA GLY B 277 -32.10 9.86 -2.46
C GLY B 277 -30.81 9.11 -2.60
N ASN B 278 -29.79 9.70 -3.23
CA ASN B 278 -28.51 9.02 -3.39
C ASN B 278 -27.78 8.98 -2.05
N VAL B 279 -27.20 7.82 -1.70
CA VAL B 279 -26.48 7.65 -0.45
C VAL B 279 -25.06 8.16 -0.66
N LEU B 280 -24.80 9.36 -0.16
CA LEU B 280 -23.51 10.00 -0.31
C LEU B 280 -22.47 9.41 0.65
N LEU B 281 -22.89 9.10 1.88
CA LEU B 281 -21.97 8.68 2.93
C LEU B 281 -22.67 7.70 3.86
N SER B 282 -21.87 6.85 4.49
CA SER B 282 -22.31 5.99 5.58
C SER B 282 -21.06 5.62 6.36
N PRO B 283 -21.21 5.00 7.53
CA PRO B 283 -20.02 4.61 8.29
C PRO B 283 -19.07 3.67 7.57
N GLU B 284 -19.57 2.90 6.60
CA GLU B 284 -18.71 1.99 5.84
C GLU B 284 -17.66 2.73 5.02
N GLU B 285 -17.88 4.00 4.73
CA GLU B 285 -16.96 4.80 3.93
C GLU B 285 -16.04 5.65 4.78
N VAL B 286 -16.04 5.47 6.09
CA VAL B 286 -15.12 6.17 6.98
C VAL B 286 -13.85 5.34 7.15
N SER B 287 -12.70 5.99 6.97
CA SER B 287 -11.42 5.32 7.13
C SER B 287 -11.34 4.63 8.48
N GLU B 288 -10.66 3.48 8.52
CA GLU B 288 -10.43 2.77 9.77
C GLU B 288 -9.16 3.19 10.50
N THR B 289 -8.40 4.13 9.94
CA THR B 289 -7.14 4.52 10.57
C THR B 289 -7.39 5.09 11.96
N GLN B 290 -6.68 4.55 12.96
CA GLN B 290 -6.73 5.10 14.30
C GLN B 290 -5.78 6.29 14.39
N GLY B 291 -6.34 7.46 14.63
CA GLY B 291 -5.57 8.67 14.53
C GLY B 291 -4.69 8.95 15.74
N THR B 292 -3.55 9.58 15.45
CA THR B 292 -2.64 10.07 16.48
C THR B 292 -3.14 11.42 16.95
N GLU B 293 -3.45 11.53 18.24
CA GLU B 293 -4.02 12.77 18.75
C GLU B 293 -3.07 13.93 18.53
N ARG B 294 -3.64 15.06 18.14
CA ARG B 294 -2.91 16.30 17.96
C ARG B 294 -3.41 17.26 18.99
N LEU B 295 -4.46 18.06 18.71
CA LEU B 295 -5.08 18.86 19.74
C LEU B 295 -5.86 17.94 20.68
N THR B 296 -5.85 18.27 21.96
CA THR B 296 -6.41 17.36 22.96
C THR B 296 -7.92 17.24 22.77
N ILE B 297 -8.41 16.01 22.71
CA ILE B 297 -9.83 15.74 22.61
C ILE B 297 -10.31 15.30 23.99
N THR B 298 -11.32 16.01 24.51
CA THR B 298 -11.90 15.76 25.82
C THR B 298 -13.39 15.51 25.69
N TYR B 299 -13.93 14.91 26.75
CA TYR B 299 -15.32 14.48 26.77
C TYR B 299 -15.89 14.79 28.12
N SER B 300 -17.08 15.35 28.14
CA SER B 300 -17.70 15.69 29.42
C SER B 300 -18.92 14.81 29.64
C10 KWN C . 25.31 -4.09 8.91
C15 KWN C . 25.99 -6.34 5.33
C20 KWN C . 21.94 -9.02 6.53
C21 KWN C . 21.43 -10.36 6.19
C22 KWN C . 22.03 -11.47 7.11
C26 KWN C . 19.41 -9.64 7.47
C28 KWN C . 20.85 -7.99 6.33
C02 KWN C . 22.66 -3.93 11.41
C03 KWN C . 21.51 -4.80 11.56
C04 KWN C . 21.34 -5.88 10.63
C06 KWN C . 22.27 -6.13 9.55
C07 KWN C . 23.46 -5.19 9.42
C08 KWN C . 23.64 -4.17 10.31
C11 KWN C . 24.53 -5.14 8.56
C12 KWN C . 24.74 -5.97 7.38
C16 KWN C . 25.07 -7.40 5.02
C18 KWN C . 23.98 -7.68 5.91
C25 KWN C . 19.92 -10.39 6.29
C27 KWN C . 19.80 -8.19 7.39
C29 KWN C . 20.28 -8.20 4.92
C30 KWN C . 19.38 -9.65 5.03
F01 KWN C . 22.90 -2.90 12.22
F05 KWN C . 20.27 -6.65 10.78
F17 KWN C . 25.21 -8.07 3.89
N09 KWN C . 24.78 -3.50 10.01
N13 KWN C . 23.80 -6.96 7.08
N14 KWN C . 25.82 -5.61 6.51
N19 KWN C . 23.09 -8.71 5.62
O23 KWN C . 23.01 -11.22 7.84
O24 KWN C . 21.46 -12.59 7.02
H101 KWN C . 26.09 -3.81 8.46
H151 KWN C . 26.70 -6.15 4.75
H201 KWN C . 22.27 -8.97 7.45
H211 KWN C . 21.73 -10.59 5.29
H262 KWN C . 19.77 -10.03 8.28
H261 KWN C . 18.44 -9.70 7.49
H281 KWN C . 21.16 -7.07 6.34
H031 KWN C . 20.90 -4.64 12.24
H061 KWN C . 22.15 -6.83 8.96
H251 KWN C . 19.60 -11.31 6.29
H272 KWN C . 20.15 -7.90 8.25
H271 KWN C . 19.02 -7.65 7.17
H291 KWN C . 21.00 -8.30 4.27
H292 KWN C . 19.70 -7.46 4.67
H301 KWN C . 18.43 -9.45 5.15
H302 KWN C . 19.51 -10.20 4.24
H091 KWN C . 25.10 -2.82 10.43
H191 KWN C . 23.20 -9.19 4.91
C1 GOL D . 30.90 -7.93 8.99
O1 GOL D . 31.08 -8.03 10.38
C2 GOL D . 32.02 -7.02 8.45
O2 GOL D . 32.97 -7.74 7.78
C3 GOL D . 31.32 -5.97 7.56
O3 GOL D . 32.25 -5.53 6.60
H11 GOL D . 30.95 -8.80 8.55
H12 GOL D . 30.04 -7.57 8.75
HO1 GOL D . 31.10 -8.86 10.58
H2 GOL D . 32.47 -6.56 9.18
HO2 GOL D . 33.19 -8.40 8.27
H31 GOL D . 30.99 -5.26 8.13
H32 GOL D . 30.53 -6.39 7.18
HO3 GOL D . 32.61 -6.22 6.28
C1 GOL E . 31.82 2.39 6.10
O1 GOL E . 33.14 2.36 6.54
C2 GOL E . 31.84 2.43 4.56
O2 GOL E . 32.49 3.54 4.05
C3 GOL E . 32.53 1.10 4.16
O3 GOL E . 31.71 0.06 4.57
H11 GOL E . 31.34 3.17 6.42
H12 GOL E . 31.31 1.62 6.40
HO1 GOL E . 33.13 2.13 7.36
H2 GOL E . 30.93 2.48 4.21
HO2 GOL E . 33.02 3.83 4.66
H31 GOL E . 33.41 1.08 4.56
H32 GOL E . 32.69 1.12 3.20
HO3 GOL E . 31.36 -0.28 3.88
C10 KWN F . -24.22 7.09 -9.94
C15 KWN F . -24.62 9.10 -6.18
C20 KWN F . -23.75 4.68 -3.97
C21 KWN F . -24.04 4.08 -2.64
C22 KWN F . -25.45 3.40 -2.56
C26 KWN F . -22.62 2.23 -3.46
C28 KWN F . -22.29 4.50 -4.28
C02 KWN F . -23.20 3.74 -10.97
C03 KWN F . -22.90 2.58 -10.16
C04 KWN F . -23.06 2.69 -8.73
C06 KWN F . -23.45 3.94 -8.10
C07 KWN F . -23.73 5.14 -8.99
C08 KWN F . -23.62 5.03 -10.34
C11 KWN F . -24.14 6.41 -8.74
C12 KWN F . -24.30 7.03 -7.44
C16 KWN F . -24.47 8.32 -4.98
C18 KWN F . -24.22 6.89 -5.05
C25 KWN F . -23.00 3.05 -2.28
C27 KWN F . -22.00 3.06 -4.54
C29 KWN F . -21.46 4.97 -3.06
C30 KWN F . -21.72 3.82 -1.82
F01 KWN F . -23.09 3.71 -12.30
F05 KWN F . -22.78 1.65 -7.97
F17 KWN F . -24.53 8.89 -3.78
N09 KWN F . -23.91 6.21 -10.92
N13 KWN F . -24.13 6.23 -6.27
N14 KWN F . -24.51 8.44 -7.41
N19 KWN F . -24.08 6.14 -3.89
O23 KWN F . -25.76 2.76 -1.51
O24 KWN F . -26.25 3.53 -3.51
H101 KWN F . -24.45 7.99 -10.05
H151 KWN F . -24.78 10.01 -6.14
H201 KWN F . -24.28 4.28 -4.67
H211 KWN F . -24.07 4.81 -2.00
H262 KWN F . -23.43 1.81 -3.81
H261 KWN F . -22.00 1.54 -3.19
H281 KWN F . -22.01 5.05 -5.03
H031 KWN F . -22.61 1.79 -10.54
H061 KWN F . -23.55 4.00 -7.17
H251 KWN F . -23.29 2.49 -1.53
H272 KWN F . -22.36 2.79 -5.40
H271 KWN F . -21.04 2.90 -4.56
H291 KWN F . -21.75 5.84 -2.77
H292 KWN F . -20.52 5.00 -3.28
H301 KWN F . -21.87 4.26 -0.97
H302 KWN F . -20.97 3.21 -1.75
H091 KWN F . -23.91 6.38 -11.77
H191 KWN F . -24.19 6.51 -3.13
C1 GOL G . -13.33 2.47 3.49
O1 GOL G . -12.49 3.58 3.64
C2 GOL G . -13.37 2.17 1.98
O2 GOL G . -12.75 0.98 1.66
C3 GOL G . -14.87 2.22 1.61
O3 GOL G . -15.36 0.92 1.55
H11 GOL G . -14.23 2.65 3.81
H12 GOL G . -13.02 1.69 3.97
HO1 GOL G . -11.71 3.32 3.40
H2 GOL G . -12.87 2.83 1.46
HO2 GOL G . -11.99 0.97 2.05
H31 GOL G . -15.33 2.77 2.28
H32 GOL G . -14.97 2.72 0.78
C10 KWN H . -24.20 1.37 -25.23
C15 KWN H . -22.54 -2.26 -26.99
C20 KWN H . -18.21 0.34 -27.43
C21 KWN H . -17.04 0.18 -28.33
C22 KWN H . -17.18 0.99 -29.67
C26 KWN H . -15.96 1.98 -27.03
C28 KWN H . -17.78 0.60 -26.03
C02 KWN H . -22.79 4.63 -24.19
C03 KWN H . -21.42 5.16 -24.34
C04 KWN H . -20.50 4.30 -25.07
C06 KWN H . -20.83 2.95 -25.60
C07 KWN H . -22.26 2.44 -25.37
C08 KWN H . -23.16 3.23 -24.70
C11 KWN H . -22.90 1.30 -25.69
C12 KWN H . -22.29 0.13 -26.33
C16 KWN H . -21.13 -2.20 -27.42
C18 KWN H . -20.35 -0.97 -27.26
C25 KWN H . -15.75 0.67 -27.69
C27 KWN H . -17.09 1.93 -26.02
C29 KWN H . -16.80 -0.50 -25.57
C30 KWN H . -15.38 -0.35 -26.59
F01 KWN H . -23.74 5.32 -23.56
F05 KWN H . -19.24 4.74 -25.27
F17 KWN H . -20.53 -3.27 -27.95
N09 KWN H . -24.35 2.58 -24.62
N13 KWN H . -20.90 0.19 -26.70
N14 KWN H . -23.10 -1.08 -26.43
N19 KWN H . -18.99 -0.92 -27.65
O23 KWN H . -16.36 0.74 -30.61
O24 KWN H . -18.08 1.85 -29.82
H101 KWN H . -24.84 0.72 -25.33
H151 KWN H . -23.04 -3.04 -27.08
H201 KWN H . -18.80 1.09 -27.63
H211 KWN H . -17.01 -0.77 -28.55
H262 KWN H . -16.17 2.64 -27.70
H261 KWN H . -15.14 2.23 -26.57
H281 KWN H . -18.50 0.54 -25.38
H031 KWN H . -21.17 5.98 -23.99
H061 KWN H . -20.20 2.44 -26.06
H251 KWN H . -15.03 0.71 -28.34
H272 KWN H . -17.72 2.63 -26.24
H271 KWN H . -16.72 2.10 -25.14
H291 KWN H . -17.19 -1.37 -25.70
H292 KWN H . -16.54 -0.37 -24.64
H301 KWN H . -15.16 -1.22 -26.98
H302 KWN H . -14.63 -0.03 -26.08
H091 KWN H . -25.06 2.87 -24.24
H191 KWN H . -18.61 -1.61 -28.01
K K I . -26.72 -2.18 -4.79
#